data_3KUD
#
_entry.id   3KUD
#
_cell.length_a   91.130
_cell.length_b   91.130
_cell.length_c   277.980
_cell.angle_alpha   90.00
_cell.angle_beta   90.00
_cell.angle_gamma   120.00
#
_symmetry.space_group_name_H-M   'H 3 2'
#
loop_
_entity.id
_entity.type
_entity.pdbx_description
1 polymer 'GTPase HRas'
2 polymer 'RAF proto-oncogene serine/threonine-protein kinase'
3 non-polymer "GUANOSINE-5'-DIPHOSPHATE"
4 non-polymer 'MAGNESIUM ION'
5 water water
#
loop_
_entity_poly.entity_id
_entity_poly.type
_entity_poly.pdbx_seq_one_letter_code
_entity_poly.pdbx_strand_id
1 'polypeptide(L)'
;MTEYKLVVVGAGGVGKSALTIQLIQNHFVDEYDPTIEDSYRKQVVIDGETCLLDILDTAGQEEYSAMRDQYMRTGEGFLC
VFAINNTKSFEDIHQYREQIKRVKDSDDVPMVLVGNKCDLAARTVESRQAQDLARSYGIPYIETSAKTRQGVEDAFYTLV
REIRQH
;
A
2 'polypeptide(L)'
;PSKTSNTIRVFLPNKQRTVVNVRNGMSLHDCLMKKLKVRGLQPECCAVFRLLHEHKGKKARLDWNTDAASLIGEELQVDF
L
;
B
#
loop_
_chem_comp.id
_chem_comp.type
_chem_comp.name
_chem_comp.formula
GDP RNA linking GUANOSINE-5'-DIPHOSPHATE 'C10 H15 N5 O11 P2'
MG non-polymer 'MAGNESIUM ION' 'Mg 2'
#
# COMPACT_ATOMS: atom_id res chain seq x y z
N MET A 1 3.81 22.12 -2.97
CA MET A 1 3.97 21.12 -4.07
C MET A 1 2.72 20.23 -4.19
N THR A 2 2.46 19.79 -5.44
CA THR A 2 1.36 18.91 -5.84
C THR A 2 1.41 17.56 -5.11
N GLU A 3 0.25 17.08 -4.69
CA GLU A 3 0.16 15.77 -4.07
C GLU A 3 -0.49 14.80 -5.04
N TYR A 4 0.04 13.57 -5.15
CA TYR A 4 -0.60 12.58 -6.02
C TYR A 4 -1.05 11.43 -5.13
N LYS A 5 -2.36 11.16 -5.12
CA LYS A 5 -2.87 10.11 -4.31
C LYS A 5 -2.98 8.77 -5.11
N LEU A 6 -2.06 7.85 -4.87
CA LEU A 6 -2.02 6.62 -5.66
C LEU A 6 -2.55 5.47 -4.84
N VAL A 7 -3.33 4.59 -5.46
CA VAL A 7 -3.82 3.41 -4.72
C VAL A 7 -3.36 2.13 -5.43
N VAL A 8 -2.94 1.16 -4.63
CA VAL A 8 -2.40 -0.07 -5.15
C VAL A 8 -3.36 -1.20 -4.80
N VAL A 9 -3.94 -1.85 -5.82
CA VAL A 9 -4.91 -2.93 -5.61
C VAL A 9 -4.55 -4.18 -6.41
N GLY A 10 -5.16 -5.30 -6.05
CA GLY A 10 -4.84 -6.58 -6.68
C GLY A 10 -4.94 -7.70 -5.65
N ALA A 11 -5.03 -8.95 -6.12
CA ALA A 11 -5.02 -10.21 -5.34
C ALA A 11 -3.98 -10.25 -4.24
N GLY A 12 -4.19 -11.14 -3.27
CA GLY A 12 -3.24 -11.29 -2.15
C GLY A 12 -1.93 -11.86 -2.66
N GLY A 13 -0.79 -11.40 -2.11
CA GLY A 13 0.49 -12.00 -2.47
C GLY A 13 1.10 -11.58 -3.82
N VAL A 14 0.53 -10.63 -4.54
CA VAL A 14 1.08 -10.39 -5.85
C VAL A 14 2.30 -9.48 -5.78
N GLY A 15 2.53 -8.87 -4.58
CA GLY A 15 3.64 -7.88 -4.44
C GLY A 15 3.22 -6.40 -4.38
N LYS A 16 1.97 -6.09 -4.02
CA LYS A 16 1.62 -4.69 -3.82
C LYS A 16 2.50 -3.98 -2.77
N SER A 17 2.75 -4.65 -1.62
CA SER A 17 3.46 -3.95 -0.55
C SER A 17 4.92 -3.94 -0.96
N ALA A 18 5.45 -5.05 -1.47
CA ALA A 18 6.86 -5.02 -1.87
C ALA A 18 7.15 -3.99 -2.96
N LEU A 19 6.21 -3.73 -3.84
CA LEU A 19 6.48 -2.70 -4.87
C LEU A 19 6.57 -1.35 -4.20
N THR A 20 5.65 -1.11 -3.27
CA THR A 20 5.55 0.12 -2.59
C THR A 20 6.80 0.35 -1.73
N ILE A 21 7.17 -0.62 -0.91
CA ILE A 21 8.35 -0.48 -0.05
C ILE A 21 9.57 -0.23 -0.85
N GLN A 22 9.69 -1.02 -1.90
CA GLN A 22 10.78 -0.84 -2.85
C GLN A 22 10.75 0.59 -3.43
N LEU A 23 9.56 1.10 -3.78
CA LEU A 23 9.59 2.51 -4.19
C LEU A 23 10.06 3.49 -3.01
N ILE A 24 9.49 3.29 -1.82
CA ILE A 24 9.63 4.13 -0.66
C ILE A 24 11.07 4.19 -0.08
N GLN A 25 11.71 3.01 0.02
CA GLN A 25 12.81 2.79 1.01
C GLN A 25 13.90 2.09 0.21
N ASN A 26 13.66 1.75 -1.08
CA ASN A 26 14.71 1.06 -1.85
C ASN A 26 15.10 -0.35 -1.35
N HIS A 27 14.20 -0.97 -0.62
CA HIS A 27 14.45 -2.23 0.05
C HIS A 27 13.41 -3.24 -0.46
N PHE A 28 13.89 -4.43 -0.80
CA PHE A 28 13.05 -5.58 -1.06
C PHE A 28 12.70 -6.40 0.20
N VAL A 29 11.39 -6.48 0.42
CA VAL A 29 10.75 -7.13 1.54
C VAL A 29 10.48 -8.57 1.15
N ASP A 30 11.40 -9.46 1.50
CA ASP A 30 11.38 -10.88 1.09
C ASP A 30 10.45 -11.72 1.95
N GLU A 31 10.09 -11.20 3.11
CA GLU A 31 9.09 -11.81 3.95
C GLU A 31 7.71 -11.56 3.28
N TYR A 32 6.74 -12.46 3.50
CA TYR A 32 5.33 -12.20 3.16
C TYR A 32 4.45 -11.73 4.35
N ASP A 33 4.28 -10.42 4.50
CA ASP A 33 3.38 -9.89 5.51
C ASP A 33 2.07 -9.33 4.93
N PRO A 34 0.98 -10.14 4.93
CA PRO A 34 -0.25 -9.64 4.32
C PRO A 34 -0.68 -8.32 4.95
N THR A 35 -1.20 -7.42 4.13
CA THR A 35 -1.59 -6.05 4.46
C THR A 35 -3.06 -6.00 4.75
N ILE A 36 -3.42 -5.21 5.76
CA ILE A 36 -4.82 -4.81 6.02
C ILE A 36 -5.03 -3.42 5.44
N GLU A 37 -4.34 -2.37 5.97
CA GLU A 37 -4.02 -1.24 5.07
C GLU A 37 -2.84 -0.40 5.48
N ASP A 38 -2.06 0.00 4.49
CA ASP A 38 -0.95 0.86 4.79
C ASP A 38 -0.97 2.05 3.87
N SER A 39 -0.72 3.24 4.39
CA SER A 39 -0.54 4.39 3.51
C SER A 39 0.80 5.03 3.76
N TYR A 40 1.49 5.42 2.71
CA TYR A 40 2.82 6.00 2.80
C TYR A 40 2.75 7.33 2.14
N ARG A 41 3.61 8.23 2.58
CA ARG A 41 3.78 9.52 1.96
C ARG A 41 5.27 9.69 1.64
N LYS A 42 5.57 10.17 0.42
CA LYS A 42 6.97 10.37 0.00
C LYS A 42 7.07 11.51 -0.96
N GLN A 43 8.10 12.31 -0.71
CA GLN A 43 8.50 13.44 -1.51
C GLN A 43 9.48 12.94 -2.59
N VAL A 44 9.13 13.16 -3.86
CA VAL A 44 9.92 12.71 -5.00
C VAL A 44 10.02 13.79 -6.07
N VAL A 45 10.88 13.57 -7.04
CA VAL A 45 10.86 14.42 -8.23
C VAL A 45 10.64 13.60 -9.49
N ILE A 46 9.55 13.94 -10.15
CA ILE A 46 9.14 13.17 -11.34
C ILE A 46 9.10 14.20 -12.49
N ASP A 47 9.90 13.96 -13.55
CA ASP A 47 9.97 14.90 -14.70
C ASP A 47 10.13 16.29 -14.20
N GLY A 48 11.08 16.50 -13.26
CA GLY A 48 11.37 17.92 -12.89
C GLY A 48 10.41 18.58 -11.88
N GLU A 49 9.32 17.91 -11.51
CA GLU A 49 8.41 18.50 -10.53
C GLU A 49 8.64 17.75 -9.20
N THR A 50 9.00 18.47 -8.15
CA THR A 50 8.98 17.98 -6.76
C THR A 50 7.53 17.79 -6.37
N CYS A 51 7.19 16.58 -5.95
CA CYS A 51 5.83 16.34 -5.56
C CYS A 51 5.67 15.29 -4.44
N LEU A 52 4.43 15.11 -3.98
CA LEU A 52 4.14 14.22 -2.88
C LEU A 52 3.32 13.06 -3.40
N LEU A 53 3.84 11.86 -3.17
CA LEU A 53 3.14 10.68 -3.49
C LEU A 53 2.46 10.21 -2.19
N ASP A 54 1.12 10.23 -2.19
CA ASP A 54 0.35 9.59 -1.18
C ASP A 54 -0.11 8.24 -1.66
N ILE A 55 0.45 7.18 -1.15
CA ILE A 55 0.17 5.84 -1.67
C ILE A 55 -0.60 4.95 -0.68
N LEU A 56 -1.82 4.53 -1.08
CA LEU A 56 -2.65 3.66 -0.30
C LEU A 56 -2.40 2.26 -0.82
N ASP A 57 -1.73 1.46 0.00
CA ASP A 57 -1.53 0.08 -0.27
C ASP A 57 -2.70 -0.66 0.33
N THR A 58 -3.36 -1.51 -0.44
CA THR A 58 -4.59 -2.19 0.00
C THR A 58 -4.41 -3.67 0.22
N ALA A 59 -5.41 -4.28 0.87
CA ALA A 59 -5.37 -5.67 1.22
C ALA A 59 -5.63 -6.52 -0.02
N GLY A 60 -4.68 -7.40 -0.35
CA GLY A 60 -4.91 -8.45 -1.31
C GLY A 60 -6.40 -8.86 -1.38
N GLN A 61 -6.70 -10.11 -1.18
CA GLN A 61 -8.10 -10.41 -1.10
C GLN A 61 -8.19 -11.36 0.13
N GLU A 62 -6.99 -11.70 0.59
CA GLU A 62 -6.66 -11.84 1.96
C GLU A 62 -6.78 -10.39 2.39
N GLU A 63 -7.98 -9.96 2.83
CA GLU A 63 -9.32 -10.35 2.32
C GLU A 63 -9.81 -9.07 1.56
N TYR A 64 -9.81 -7.87 2.16
CA TYR A 64 -10.28 -7.51 3.52
C TYR A 64 -11.10 -6.33 3.01
N SER A 65 -11.96 -6.73 2.07
CA SER A 65 -12.70 -5.87 1.16
C SER A 65 -13.33 -4.67 1.83
N ALA A 66 -14.18 -4.96 2.83
CA ALA A 66 -14.98 -3.98 3.61
C ALA A 66 -14.19 -2.81 4.26
N MET A 67 -13.24 -2.27 3.49
CA MET A 67 -12.25 -1.32 3.95
C MET A 67 -12.06 -0.18 2.93
N ARG A 68 -11.70 -0.51 1.69
CA ARG A 68 -11.51 0.50 0.60
C ARG A 68 -12.74 0.62 -0.30
N ASP A 69 -13.63 1.55 0.04
CA ASP A 69 -14.92 1.66 -0.64
C ASP A 69 -15.35 3.11 -0.85
N GLN A 70 -14.40 4.01 -0.65
CA GLN A 70 -14.56 5.46 -0.78
C GLN A 70 -13.08 5.83 -0.84
N TYR A 71 -12.30 4.89 -0.35
CA TYR A 71 -10.85 4.96 -0.26
C TYR A 71 -10.43 4.33 -1.57
N MET A 72 -10.81 5.08 -2.61
CA MET A 72 -11.10 4.61 -3.96
C MET A 72 -11.77 5.81 -4.67
N ARG A 73 -12.71 6.48 -4.00
CA ARG A 73 -13.21 7.76 -4.54
C ARG A 73 -12.25 8.88 -4.13
N THR A 74 -11.37 8.58 -3.16
CA THR A 74 -10.27 9.50 -2.80
C THR A 74 -9.02 9.36 -3.73
N GLY A 75 -8.72 8.11 -4.13
CA GLY A 75 -7.61 7.83 -5.06
C GLY A 75 -7.70 8.61 -6.35
N GLU A 76 -6.59 9.15 -6.79
CA GLU A 76 -6.56 9.77 -8.11
C GLU A 76 -6.05 8.75 -9.11
N GLY A 77 -5.27 7.79 -8.68
CA GLY A 77 -4.60 6.94 -9.66
C GLY A 77 -4.47 5.55 -9.10
N PHE A 78 -4.68 4.53 -9.92
CA PHE A 78 -4.69 3.14 -9.44
C PHE A 78 -3.68 2.29 -10.15
N LEU A 79 -2.94 1.54 -9.38
CA LEU A 79 -2.01 0.54 -9.88
C LEU A 79 -2.77 -0.75 -9.68
N CYS A 80 -3.09 -1.52 -10.75
CA CYS A 80 -3.73 -2.76 -10.60
C CYS A 80 -2.71 -3.83 -10.88
N VAL A 81 -2.45 -4.63 -9.91
CA VAL A 81 -1.21 -5.39 -9.94
C VAL A 81 -1.62 -6.86 -9.98
N PHE A 82 -0.92 -7.67 -10.76
CA PHE A 82 -1.11 -9.14 -10.67
C PHE A 82 0.28 -9.67 -10.76
N ALA A 83 0.47 -10.95 -10.46
CA ALA A 83 1.87 -11.44 -10.54
C ALA A 83 1.93 -12.39 -11.81
N ILE A 84 3.03 -12.39 -12.54
CA ILE A 84 3.11 -13.13 -13.79
C ILE A 84 3.16 -14.59 -13.65
N ASN A 85 3.32 -15.03 -12.41
CA ASN A 85 3.31 -16.41 -12.04
C ASN A 85 2.05 -16.76 -11.23
N ASN A 86 0.99 -16.06 -11.44
CA ASN A 86 -0.16 -16.35 -10.64
C ASN A 86 -1.36 -16.01 -11.57
N THR A 87 -1.71 -16.97 -12.34
CA THR A 87 -2.79 -16.79 -13.29
C THR A 87 -4.07 -16.19 -12.70
N LYS A 88 -4.48 -16.72 -11.58
CA LYS A 88 -5.64 -16.33 -10.84
C LYS A 88 -5.59 -14.84 -10.51
N SER A 89 -4.44 -14.34 -10.09
CA SER A 89 -4.39 -12.89 -9.84
C SER A 89 -4.57 -12.13 -11.13
N PHE A 90 -4.17 -12.66 -12.31
CA PHE A 90 -4.41 -11.87 -13.54
C PHE A 90 -5.95 -11.79 -13.81
N GLU A 91 -6.61 -12.91 -13.55
CA GLU A 91 -8.07 -13.09 -13.77
C GLU A 91 -8.83 -12.24 -12.78
N ASP A 92 -8.24 -11.96 -11.60
CA ASP A 92 -8.90 -11.09 -10.60
C ASP A 92 -8.92 -9.62 -11.02
N ILE A 93 -8.00 -9.21 -11.88
CA ILE A 93 -7.82 -7.78 -12.22
C ILE A 93 -9.16 -7.23 -12.54
N HIS A 94 -9.99 -8.00 -13.23
CA HIS A 94 -11.20 -7.43 -13.82
C HIS A 94 -12.10 -6.90 -12.68
N GLN A 95 -12.15 -7.65 -11.58
CA GLN A 95 -13.04 -7.29 -10.47
C GLN A 95 -12.63 -5.96 -9.89
N TYR A 96 -11.33 -5.79 -9.66
CA TYR A 96 -10.75 -4.50 -9.24
C TYR A 96 -11.09 -3.33 -10.18
N ARG A 97 -10.86 -3.52 -11.47
CA ARG A 97 -11.16 -2.49 -12.42
C ARG A 97 -12.65 -2.15 -12.39
N GLU A 98 -13.51 -3.17 -12.25
CA GLU A 98 -14.97 -2.90 -12.03
C GLU A 98 -15.28 -2.18 -10.70
N GLN A 99 -14.66 -2.58 -9.59
CA GLN A 99 -14.78 -1.91 -8.31
C GLN A 99 -14.40 -0.47 -8.59
N ILE A 100 -13.20 -0.22 -9.10
CA ILE A 100 -12.74 1.15 -9.44
C ILE A 100 -13.70 1.94 -10.31
N LYS A 101 -14.18 1.38 -11.44
CA LYS A 101 -15.15 2.08 -12.32
C LYS A 101 -16.44 2.36 -11.57
N ARG A 102 -16.80 1.48 -10.65
CA ARG A 102 -17.99 1.77 -9.86
C ARG A 102 -17.78 2.95 -8.87
N VAL A 103 -16.73 2.90 -8.05
CA VAL A 103 -16.56 3.83 -6.91
C VAL A 103 -16.13 5.22 -7.36
N LYS A 104 -15.66 5.33 -8.61
CA LYS A 104 -15.55 6.63 -9.27
C LYS A 104 -16.71 6.66 -10.27
N ASP A 105 -16.59 7.31 -11.42
CA ASP A 105 -17.75 7.27 -12.31
C ASP A 105 -17.48 7.19 -13.81
N SER A 106 -16.22 6.89 -14.16
CA SER A 106 -15.78 6.94 -15.54
C SER A 106 -15.01 5.65 -15.93
N ASP A 107 -14.98 5.31 -17.22
CA ASP A 107 -14.06 4.26 -17.72
C ASP A 107 -12.68 4.76 -18.17
N ASP A 108 -12.45 6.08 -18.02
CA ASP A 108 -11.09 6.68 -18.06
C ASP A 108 -10.74 7.28 -16.69
N VAL A 109 -10.32 6.41 -15.79
CA VAL A 109 -9.73 6.73 -14.50
C VAL A 109 -8.23 6.45 -14.64
N PRO A 110 -7.36 7.29 -14.07
CA PRO A 110 -5.93 7.04 -14.33
C PRO A 110 -5.59 5.71 -13.73
N MET A 111 -4.97 4.85 -14.53
CA MET A 111 -4.75 3.47 -14.13
C MET A 111 -3.54 2.79 -14.79
N VAL A 112 -2.84 1.85 -14.14
CA VAL A 112 -1.82 1.19 -14.87
C VAL A 112 -1.94 -0.31 -14.47
N LEU A 113 -1.70 -1.21 -15.42
CA LEU A 113 -1.72 -2.67 -15.17
C LEU A 113 -0.28 -3.06 -14.95
N VAL A 114 -0.01 -3.63 -13.81
CA VAL A 114 1.40 -3.95 -13.52
C VAL A 114 1.46 -5.52 -13.40
N GLY A 115 2.39 -6.20 -14.10
CA GLY A 115 2.53 -7.66 -13.97
C GLY A 115 3.82 -7.76 -13.16
N ASN A 116 3.67 -8.18 -11.89
CA ASN A 116 4.82 -8.13 -11.03
C ASN A 116 5.47 -9.50 -10.95
N LYS A 117 6.66 -9.49 -10.36
CA LYS A 117 7.45 -10.72 -10.23
C LYS A 117 8.03 -11.17 -11.59
N CYS A 118 8.33 -10.22 -12.44
CA CYS A 118 8.90 -10.57 -13.75
C CYS A 118 10.33 -11.08 -13.68
N ASP A 119 10.89 -11.18 -12.48
CA ASP A 119 12.20 -11.84 -12.28
C ASP A 119 12.04 -13.33 -12.17
N LEU A 120 10.82 -13.81 -11.94
CA LEU A 120 10.57 -15.31 -11.78
C LEU A 120 10.59 -15.94 -13.13
N ALA A 121 10.91 -17.21 -13.22
CA ALA A 121 10.96 -17.89 -14.49
C ALA A 121 9.64 -18.68 -14.70
N ALA A 122 8.82 -18.84 -13.67
CA ALA A 122 7.55 -19.58 -13.79
C ALA A 122 6.43 -18.66 -14.27
N ARG A 123 6.60 -18.06 -15.43
CA ARG A 123 5.58 -17.27 -16.02
C ARG A 123 4.34 -18.10 -16.47
N THR A 124 3.12 -17.69 -16.09
CA THR A 124 1.92 -18.35 -16.68
C THR A 124 1.00 -17.27 -17.28
N VAL A 125 1.31 -16.00 -17.10
CA VAL A 125 0.65 -14.96 -17.85
C VAL A 125 1.62 -14.39 -18.81
N GLU A 126 1.36 -14.50 -20.11
CA GLU A 126 2.21 -13.97 -21.16
C GLU A 126 2.00 -12.49 -21.22
N SER A 127 3.08 -11.76 -21.47
CA SER A 127 3.01 -10.37 -21.83
C SER A 127 1.84 -9.96 -22.73
N ARG A 128 1.57 -10.84 -23.70
CA ARG A 128 0.60 -10.58 -24.76
C ARG A 128 -0.78 -10.59 -24.17
N GLN A 129 -1.01 -11.49 -23.20
CA GLN A 129 -2.36 -11.60 -22.55
C GLN A 129 -2.64 -10.32 -21.75
N ALA A 130 -1.61 -9.89 -21.04
CA ALA A 130 -1.74 -8.68 -20.23
C ALA A 130 -1.86 -7.42 -21.09
N GLN A 131 -1.03 -7.31 -22.12
CA GLN A 131 -1.19 -6.20 -23.12
C GLN A 131 -2.58 -6.09 -23.70
N ASP A 132 -3.17 -7.21 -24.13
CA ASP A 132 -4.56 -7.24 -24.56
C ASP A 132 -5.51 -6.76 -23.50
N LEU A 133 -5.28 -7.16 -22.25
CA LEU A 133 -6.22 -6.74 -21.24
C LEU A 133 -6.10 -5.22 -21.18
N ALA A 134 -4.87 -4.72 -21.01
CA ALA A 134 -4.67 -3.31 -20.80
C ALA A 134 -5.20 -2.54 -22.01
N ARG A 135 -5.04 -3.04 -23.23
CA ARG A 135 -5.48 -2.35 -24.40
C ARG A 135 -7.00 -2.19 -24.35
N SER A 136 -7.66 -3.22 -23.88
CA SER A 136 -9.11 -3.19 -23.83
C SER A 136 -9.52 -2.22 -22.75
N TYR A 137 -8.69 -2.02 -21.72
CA TYR A 137 -9.10 -1.02 -20.70
C TYR A 137 -8.71 0.35 -21.15
N GLY A 138 -7.84 0.47 -22.15
CA GLY A 138 -7.37 1.81 -22.53
C GLY A 138 -6.22 2.25 -21.64
N ILE A 139 -5.33 1.39 -21.14
CA ILE A 139 -4.29 1.89 -20.15
C ILE A 139 -2.95 1.18 -20.41
N PRO A 140 -1.89 1.72 -19.84
CA PRO A 140 -0.67 1.03 -20.11
C PRO A 140 -0.45 -0.28 -19.30
N TYR A 141 0.39 -1.18 -19.82
CA TYR A 141 0.74 -2.31 -19.06
C TYR A 141 2.26 -2.22 -18.78
N ILE A 142 2.69 -2.56 -17.57
CA ILE A 142 4.18 -2.50 -17.32
C ILE A 142 4.59 -3.68 -16.46
N GLU A 143 5.69 -4.37 -16.78
CA GLU A 143 6.08 -5.49 -16.03
C GLU A 143 7.02 -4.99 -14.99
N THR A 144 7.04 -5.61 -13.81
CA THR A 144 7.73 -5.10 -12.69
C THR A 144 8.37 -6.26 -11.92
N SER A 145 9.50 -5.96 -11.28
CA SER A 145 10.00 -6.81 -10.22
C SER A 145 10.33 -5.99 -9.01
N ALA A 146 9.57 -6.15 -7.95
CA ALA A 146 9.93 -5.53 -6.69
C ALA A 146 11.28 -6.02 -6.14
N LYS A 147 11.79 -7.13 -6.63
CA LYS A 147 13.00 -7.72 -6.05
C LYS A 147 14.19 -6.97 -6.58
N THR A 148 14.20 -6.73 -7.87
CA THR A 148 15.36 -6.39 -8.69
C THR A 148 15.22 -4.94 -9.00
N ARG A 149 14.00 -4.46 -8.76
CA ARG A 149 13.57 -3.10 -9.11
C ARG A 149 13.26 -2.87 -10.61
N GLN A 150 13.40 -3.87 -11.46
CA GLN A 150 12.97 -3.56 -12.81
C GLN A 150 11.52 -2.92 -12.75
N GLY A 151 11.31 -1.79 -13.45
CA GLY A 151 10.02 -1.23 -13.74
C GLY A 151 9.31 -0.55 -12.61
N VAL A 152 9.88 -0.59 -11.45
CA VAL A 152 9.12 -0.11 -10.30
C VAL A 152 8.88 1.48 -10.41
N GLU A 153 9.97 2.22 -10.60
CA GLU A 153 9.76 3.71 -10.88
C GLU A 153 8.89 3.96 -12.11
N ASP A 154 9.13 3.18 -13.16
CA ASP A 154 8.34 3.33 -14.37
C ASP A 154 6.89 3.17 -14.06
N ALA A 155 6.62 2.15 -13.27
CA ALA A 155 5.20 1.87 -12.96
C ALA A 155 4.57 3.07 -12.17
N PHE A 156 5.22 3.54 -11.12
CA PHE A 156 4.64 4.62 -10.32
C PHE A 156 4.67 5.91 -11.08
N TYR A 157 5.72 6.14 -11.87
CA TYR A 157 5.90 7.51 -12.42
C TYR A 157 4.91 7.51 -13.55
N THR A 158 4.68 6.33 -14.22
CA THR A 158 3.74 6.33 -15.32
C THR A 158 2.40 6.64 -14.75
N LEU A 159 2.02 6.01 -13.65
CA LEU A 159 0.69 6.31 -13.06
C LEU A 159 0.59 7.84 -12.76
N VAL A 160 1.66 8.41 -12.19
CA VAL A 160 1.65 9.90 -11.99
C VAL A 160 1.37 10.65 -13.31
N ARG A 161 1.95 10.14 -14.39
CA ARG A 161 1.86 10.82 -15.64
C ARG A 161 0.51 10.67 -16.21
N GLU A 162 -0.14 9.56 -15.98
CA GLU A 162 -1.50 9.40 -16.41
C GLU A 162 -2.35 10.42 -15.58
N ILE A 163 -2.04 10.58 -14.28
CA ILE A 163 -2.84 11.45 -13.46
C ILE A 163 -2.68 12.86 -13.99
N ARG A 164 -1.46 13.26 -14.40
CA ARG A 164 -1.29 14.67 -14.86
C ARG A 164 -2.02 14.91 -16.14
N GLN A 165 -2.30 13.87 -16.90
CA GLN A 165 -3.14 14.11 -18.10
C GLN A 165 -4.59 14.60 -17.85
N ASN B 6 -8.46 -8.96 16.32
CA ASN B 6 -7.16 -9.58 16.75
C ASN B 6 -5.95 -8.68 16.45
N THR B 7 -6.20 -7.43 16.09
CA THR B 7 -5.23 -6.58 15.41
C THR B 7 -4.95 -5.25 16.18
N ILE B 8 -4.25 -4.32 15.53
CA ILE B 8 -4.12 -2.87 15.96
C ILE B 8 -4.11 -1.84 14.79
N ARG B 9 -5.03 -0.87 14.84
CA ARG B 9 -5.09 0.23 13.86
C ARG B 9 -4.29 1.50 14.33
N VAL B 10 -2.99 1.54 13.99
CA VAL B 10 -2.05 2.60 14.39
C VAL B 10 -1.96 3.78 13.38
N PHE B 11 -2.28 5.00 13.83
CA PHE B 11 -1.97 6.19 13.00
C PHE B 11 -0.51 6.60 13.10
N LEU B 12 0.20 6.68 11.99
CA LEU B 12 1.60 7.09 12.08
C LEU B 12 1.86 8.64 11.97
N PRO B 13 3.14 9.07 12.10
CA PRO B 13 3.45 10.47 11.80
C PRO B 13 3.15 10.82 10.33
N ASN B 14 2.57 11.99 10.06
CA ASN B 14 2.56 12.59 8.69
C ASN B 14 1.35 12.25 7.79
N LYS B 15 0.49 11.37 8.30
CA LYS B 15 -0.77 10.99 7.62
C LYS B 15 -0.67 9.61 7.05
N GLN B 16 -0.07 8.76 7.83
CA GLN B 16 0.18 7.41 7.47
C GLN B 16 -0.45 6.43 8.49
N ARG B 17 -1.27 5.57 7.90
CA ARG B 17 -1.96 4.51 8.63
CA ARG B 17 -2.01 4.51 8.58
C ARG B 17 -1.22 3.19 8.38
N THR B 18 -1.16 2.35 9.43
CA THR B 18 -0.80 0.94 9.35
C THR B 18 -1.80 0.24 10.26
N VAL B 19 -2.24 -0.95 9.85
CA VAL B 19 -2.90 -1.86 10.80
C VAL B 19 -1.98 -3.05 11.16
N VAL B 20 -1.90 -3.45 12.45
CA VAL B 20 -0.98 -4.57 12.84
C VAL B 20 -1.60 -5.86 13.52
N ASN B 21 -1.45 -7.01 12.87
CA ASN B 21 -1.83 -8.32 13.45
C ASN B 21 -0.96 -8.57 14.67
N VAL B 22 -1.62 -8.85 15.80
CA VAL B 22 -0.89 -9.12 17.03
C VAL B 22 -0.80 -10.63 17.35
N ARG B 23 0.44 -11.16 17.36
CA ARG B 23 0.75 -12.51 17.87
C ARG B 23 1.17 -12.40 19.35
N ASN B 24 2.10 -13.22 19.84
CA ASN B 24 2.43 -13.13 21.28
C ASN B 24 3.87 -13.14 21.83
N GLY B 25 4.01 -12.47 22.98
CA GLY B 25 5.28 -12.05 23.55
C GLY B 25 5.50 -10.57 23.27
N MET B 26 5.12 -10.15 22.06
CA MET B 26 5.48 -8.85 21.48
C MET B 26 5.03 -7.64 22.31
N SER B 27 5.97 -6.71 22.51
CA SER B 27 5.62 -5.36 22.95
C SER B 27 5.03 -4.55 21.78
N LEU B 28 4.98 -3.24 21.91
CA LEU B 28 4.47 -2.35 20.86
CA LEU B 28 4.46 -2.50 20.78
C LEU B 28 5.64 -1.96 19.98
N HIS B 29 6.82 -2.01 20.61
CA HIS B 29 8.13 -1.89 19.94
C HIS B 29 8.27 -2.99 18.88
N ASP B 30 8.05 -4.24 19.28
CA ASP B 30 8.13 -5.39 18.37
C ASP B 30 7.08 -5.36 17.22
N CYS B 31 5.81 -5.11 17.54
CA CYS B 31 4.76 -5.08 16.52
C CYS B 31 4.80 -3.83 15.58
N LEU B 32 5.56 -2.80 15.97
CA LEU B 32 5.55 -1.49 15.28
C LEU B 32 6.89 -1.04 14.69
N MET B 33 8.02 -1.57 15.21
CA MET B 33 9.41 -1.17 14.87
C MET B 33 9.72 -1.40 13.41
N LYS B 34 9.19 -2.50 12.87
CA LYS B 34 9.21 -2.75 11.44
C LYS B 34 8.36 -1.71 10.68
N LYS B 35 7.21 -1.28 11.23
CA LYS B 35 6.35 -0.26 10.58
C LYS B 35 7.06 1.08 10.42
N LEU B 36 7.65 1.56 11.52
CA LEU B 36 8.31 2.84 11.48
C LEU B 36 9.53 2.78 10.59
N LYS B 37 10.45 1.85 10.84
CA LYS B 37 11.76 1.83 10.10
C LYS B 37 11.74 1.74 8.53
N VAL B 38 10.70 1.13 7.95
CA VAL B 38 10.45 1.22 6.49
C VAL B 38 10.06 2.66 6.07
N ARG B 39 9.25 3.32 6.92
CA ARG B 39 8.94 4.76 6.80
C ARG B 39 10.12 5.71 7.24
N GLY B 40 11.39 5.30 7.10
CA GLY B 40 12.56 6.11 7.55
C GLY B 40 12.58 6.69 8.98
N LEU B 41 11.67 6.20 9.84
CA LEU B 41 11.44 6.71 11.18
C LEU B 41 12.10 5.85 12.29
N GLN B 42 12.27 6.46 13.48
CA GLN B 42 13.02 5.89 14.62
C GLN B 42 12.15 5.68 15.90
N PRO B 43 11.98 4.41 16.34
CA PRO B 43 11.23 4.01 17.55
C PRO B 43 11.52 4.82 18.83
N GLU B 44 12.78 5.15 19.11
CA GLU B 44 13.07 5.96 20.34
C GLU B 44 13.14 7.47 20.06
N CYS B 45 12.65 7.87 18.88
CA CYS B 45 12.40 9.26 18.52
C CYS B 45 10.91 9.66 18.69
N CYS B 46 10.08 8.71 19.12
CA CYS B 46 8.62 8.83 19.05
C CYS B 46 7.93 8.32 20.30
N ALA B 47 6.71 8.77 20.49
CA ALA B 47 5.85 8.28 21.55
C ALA B 47 4.60 7.69 20.94
N VAL B 48 4.02 6.71 21.62
CA VAL B 48 2.82 6.07 21.11
C VAL B 48 1.78 6.20 22.16
N PHE B 49 0.55 6.44 21.70
CA PHE B 49 -0.59 6.65 22.56
C PHE B 49 -1.86 5.98 22.05
N ARG B 50 -2.67 5.55 23.04
CA ARG B 50 -4.02 4.96 22.92
C ARG B 50 -5.14 6.03 22.90
N LEU B 51 -5.97 6.03 21.85
CA LEU B 51 -7.00 7.11 21.62
C LEU B 51 -8.39 6.83 22.19
N LEU B 52 -8.82 7.75 23.04
CA LEU B 52 -10.13 7.66 23.67
C LEU B 52 -10.91 8.96 23.37
N HIS B 53 -11.99 8.82 22.60
CA HIS B 53 -12.91 9.95 22.36
C HIS B 53 -14.04 9.78 23.38
N GLU B 54 -13.60 9.49 24.61
CA GLU B 54 -14.38 9.44 25.87
C GLU B 54 -13.91 10.64 26.73
N HIS B 55 -14.18 11.84 26.19
CA HIS B 55 -13.60 13.19 26.51
C HIS B 55 -13.51 14.03 25.18
N LYS B 56 -13.82 13.36 24.05
CA LYS B 56 -13.75 13.84 22.61
C LYS B 56 -12.37 14.03 21.92
N GLY B 57 -11.74 12.91 21.56
CA GLY B 57 -10.51 12.92 20.80
C GLY B 57 -9.24 13.02 21.64
N LYS B 58 -9.21 12.26 22.76
CA LYS B 58 -8.13 12.37 23.75
C LYS B 58 -7.23 11.11 24.04
N LYS B 59 -5.96 11.42 24.20
CA LYS B 59 -4.88 10.48 24.10
C LYS B 59 -4.27 9.95 25.40
N ALA B 60 -4.32 8.64 25.46
CA ALA B 60 -3.71 7.75 26.42
C ALA B 60 -2.30 7.24 26.09
N ARG B 61 -1.27 7.69 26.82
CA ARG B 61 0.16 7.27 26.68
C ARG B 61 0.61 5.87 27.12
N LEU B 62 1.48 5.39 26.24
CA LEU B 62 2.04 4.05 26.14
C LEU B 62 3.52 4.11 26.50
N ASP B 63 4.03 3.13 27.24
CA ASP B 63 5.46 2.85 27.26
C ASP B 63 5.67 2.03 25.98
N TRP B 64 6.84 2.15 25.32
CA TRP B 64 7.18 1.26 24.17
C TRP B 64 7.34 -0.25 24.52
N ASN B 65 7.53 -0.57 25.78
CA ASN B 65 7.54 -1.98 26.14
C ASN B 65 6.22 -2.50 26.73
N THR B 66 5.18 -1.66 26.64
CA THR B 66 3.79 -2.05 26.97
C THR B 66 3.36 -3.15 25.96
N ASP B 67 2.57 -4.11 26.45
CA ASP B 67 1.91 -5.17 25.66
C ASP B 67 1.27 -4.77 24.29
N ALA B 68 1.17 -5.77 23.41
CA ALA B 68 0.39 -5.69 22.20
C ALA B 68 -1.03 -6.14 22.50
N ALA B 69 -1.17 -7.37 22.99
CA ALA B 69 -2.48 -7.95 23.32
C ALA B 69 -3.53 -7.02 24.02
N SER B 70 -3.18 -6.39 25.15
CA SER B 70 -4.07 -5.42 25.86
C SER B 70 -4.57 -4.20 25.02
N LEU B 71 -4.50 -4.32 23.69
CA LEU B 71 -4.92 -3.29 22.76
C LEU B 71 -5.79 -3.89 21.65
N ILE B 72 -5.69 -5.21 21.45
CA ILE B 72 -6.25 -6.02 20.31
C ILE B 72 -7.70 -5.68 19.75
N GLY B 73 -8.16 -4.42 19.83
CA GLY B 73 -9.51 -3.99 19.34
C GLY B 73 -9.77 -2.49 19.27
N GLU B 74 -8.70 -1.71 19.47
CA GLU B 74 -8.69 -0.26 19.60
C GLU B 74 -7.80 0.48 18.53
N GLU B 75 -7.38 1.70 18.90
CA GLU B 75 -6.76 2.67 17.99
C GLU B 75 -5.59 3.43 18.62
N LEU B 76 -4.42 3.34 17.99
CA LEU B 76 -3.23 4.10 18.39
C LEU B 76 -2.71 5.15 17.33
N GLN B 77 -1.86 6.07 17.77
CA GLN B 77 -1.21 7.07 16.89
C GLN B 77 0.17 7.36 17.51
N VAL B 78 1.15 7.62 16.65
CA VAL B 78 2.56 7.66 17.07
C VAL B 78 3.06 9.07 16.75
N ASP B 79 3.87 9.67 17.60
CA ASP B 79 4.23 11.08 17.46
C ASP B 79 5.65 11.27 18.04
N PHE B 80 6.52 11.79 17.17
CA PHE B 80 7.90 12.21 17.51
C PHE B 80 8.00 12.73 18.94
N LEU B 81 8.91 12.17 19.74
CA LEU B 81 9.04 12.54 21.19
C LEU B 81 9.71 13.92 21.44
PB GDP C . 0.96 -8.25 -1.38
O1B GDP C . 0.23 -8.08 -2.67
O2B GDP C . 1.30 -6.89 -0.74
O3B GDP C . 0.03 -9.14 -0.55
O3A GDP C . 2.28 -9.13 -1.47
PA GDP C . 3.67 -8.79 -0.76
O1A GDP C . 3.39 -8.97 0.65
O2A GDP C . 4.17 -7.43 -1.25
O5' GDP C . 4.62 -9.98 -1.26
C5' GDP C . 4.09 -11.33 -1.40
C4' GDP C . 5.30 -12.28 -1.38
O4' GDP C . 5.88 -12.28 -2.70
C3' GDP C . 6.42 -11.77 -0.45
O3' GDP C . 7.25 -12.86 -0.12
C2' GDP C . 7.29 -10.98 -1.38
O2' GDP C . 8.64 -11.06 -0.97
C1' GDP C . 7.22 -11.79 -2.67
N9 GDP C . 7.42 -10.86 -3.79
C8 GDP C . 6.82 -9.66 -3.93
N7 GDP C . 7.23 -9.06 -5.07
C5 GDP C . 8.09 -9.90 -5.70
C6 GDP C . 8.90 -9.88 -6.94
O6 GDP C . 8.85 -8.94 -7.77
N1 GDP C . 9.66 -10.95 -7.19
C2 GDP C . 9.73 -12.00 -6.35
N2 GDP C . 10.55 -13.00 -6.66
N3 GDP C . 9.04 -12.12 -5.20
C4 GDP C . 8.21 -11.10 -4.85
MG MG D . 0.24 -6.71 1.22
#